data_3FZP
#
_entry.id   3FZP
#
_cell.length_a   36.946
_cell.length_b   92.663
_cell.length_c   42.671
_cell.angle_alpha   90.00
_cell.angle_beta   92.45
_cell.angle_gamma   90.00
#
_symmetry.space_group_name_H-M   'P 1 21 1'
#
loop_
_entity.id
_entity.type
_entity.pdbx_description
1 polymer 'Protein tyrosine kinase 2 beta'
2 non-polymer 'PHOSPHOTHIOPHOSPHORIC ACID-ADENYLATE ESTER'
3 non-polymer 'SULFATE ION'
4 water water
#
_entity_poly.entity_id   1
_entity_poly.type   'polypeptide(L)'
_entity_poly.pdbx_seq_one_letter_code
;PQYGIAREDVVLNRILGEGFFGEVYEGVYTNHKGEKINVAVKTCKKDCTLDNKEKFMSEAVIMKNLDHPHIVKLIGIIEE
EPTWIIMELYPYGELGHYLERNKNSLKVLTLVLYSLQICKAMAYLESINCVHRDIAVRNILVASPECVKLGDFGLSRYIE
DEDYYKASVTRLPIKWMSPESINFRRFTTASDVWMFAVCMWEILSFGKQPFFWLENKDVIGVLEKGDRLPKPDLCPPVLY
TLMTRCWDYDPSDRPRFTELVCSLSDVYQMEKDIAME
;
_entity_poly.pdbx_strand_id   A
#
# COMPACT_ATOMS: atom_id res chain seq x y z
N GLY A 4 -11.91 24.87 8.44
CA GLY A 4 -11.52 23.88 7.38
C GLY A 4 -10.65 24.39 6.20
N ILE A 5 -10.68 23.73 5.05
CA ILE A 5 -9.87 24.26 3.95
C ILE A 5 -10.71 24.85 2.83
N ALA A 6 -10.29 26.00 2.32
CA ALA A 6 -10.99 26.65 1.26
C ALA A 6 -10.18 26.65 -0.04
N ARG A 7 -10.89 26.51 -1.15
CA ARG A 7 -10.27 26.43 -2.49
C ARG A 7 -9.20 27.49 -2.73
N GLU A 8 -9.31 28.65 -2.07
CA GLU A 8 -8.38 29.76 -2.29
C GLU A 8 -7.04 29.37 -1.75
N ASP A 9 -7.07 28.51 -0.75
CA ASP A 9 -5.85 28.13 -0.01
C ASP A 9 -5.05 27.11 -0.78
N VAL A 10 -5.60 26.65 -1.89
CA VAL A 10 -4.97 25.60 -2.71
C VAL A 10 -4.76 25.95 -4.20
N VAL A 11 -3.52 25.92 -4.64
CA VAL A 11 -3.13 26.22 -5.99
C VAL A 11 -2.53 24.95 -6.72
N LEU A 12 -2.94 24.68 -7.97
CA LEU A 12 -2.47 23.48 -8.76
C LEU A 12 -1.28 23.88 -9.61
N ASN A 13 -0.18 23.14 -9.54
CA ASN A 13 0.99 23.54 -10.26
C ASN A 13 1.32 22.69 -11.47
N ARG A 14 1.16 21.38 -11.32
CA ARG A 14 1.32 20.48 -12.45
C ARG A 14 0.50 19.21 -12.26
N ILE A 15 0.45 18.41 -13.30
CA ILE A 15 -0.16 17.11 -13.22
C ILE A 15 0.69 16.18 -12.41
N LEU A 16 0.04 15.32 -11.63
CA LEU A 16 0.78 14.21 -11.03
C LEU A 16 0.48 12.89 -11.79
N GLY A 17 -0.78 12.65 -12.10
CA GLY A 17 -1.12 11.41 -12.76
C GLY A 17 -2.61 11.07 -12.69
N GLU A 18 -3.04 10.16 -13.56
CA GLU A 18 -4.41 9.68 -13.61
C GLU A 18 -4.74 8.67 -12.52
N GLY A 19 -5.67 9.03 -11.65
CA GLY A 19 -6.26 8.06 -10.71
C GLY A 19 -7.57 7.48 -11.28
N PHE A 20 -8.13 6.46 -10.62
CA PHE A 20 -9.29 5.75 -11.18
C PHE A 20 -10.38 6.74 -11.53
N PHE A 21 -10.77 7.55 -10.57
CA PHE A 21 -11.81 8.53 -10.80
C PHE A 21 -11.41 9.80 -11.54
N GLY A 22 -10.11 10.03 -11.77
CA GLY A 22 -9.75 11.31 -12.34
C GLY A 22 -8.32 11.74 -12.08
N GLU A 23 -7.96 12.94 -12.55
CA GLU A 23 -6.56 13.41 -12.51
C GLU A 23 -6.09 13.79 -11.12
N VAL A 24 -4.82 13.48 -10.82
CA VAL A 24 -4.23 13.92 -9.58
C VAL A 24 -3.22 14.95 -9.90
N TYR A 25 -3.23 16.05 -9.14
CA TYR A 25 -2.38 17.18 -9.47
C TYR A 25 -1.48 17.44 -8.32
N GLU A 26 -0.34 18.07 -8.62
CA GLU A 26 0.54 18.54 -7.58
C GLU A 26 0.20 20.03 -7.28
N GLY A 27 0.14 20.41 -6.01
CA GLY A 27 -0.14 21.81 -5.65
C GLY A 27 0.49 22.32 -4.36
N VAL A 28 0.09 23.51 -3.93
CA VAL A 28 0.58 24.01 -2.65
C VAL A 28 -0.59 24.48 -1.90
N TYR A 29 -0.78 23.94 -0.69
CA TYR A 29 -1.80 24.40 0.21
C TYR A 29 -1.18 25.37 1.20
N THR A 30 -1.87 26.48 1.45
CA THR A 30 -1.42 27.39 2.51
C THR A 30 -2.33 27.32 3.71
N ASN A 31 -1.71 26.93 4.81
CA ASN A 31 -2.31 26.84 6.15
C ASN A 31 -3.18 27.94 6.69
N HIS A 32 -3.80 27.64 7.83
CA HIS A 32 -4.41 28.70 8.65
C HIS A 32 -3.28 29.50 9.33
N LYS A 33 -2.09 28.89 9.46
CA LYS A 33 -0.88 29.55 9.99
C LYS A 33 0.07 30.07 8.90
N GLY A 34 -0.40 30.09 7.66
CA GLY A 34 0.39 30.62 6.52
C GLY A 34 1.50 29.73 6.00
N GLU A 35 1.60 28.51 6.54
CA GLU A 35 2.57 27.52 6.07
C GLU A 35 2.22 26.95 4.68
N LYS A 36 3.22 26.86 3.83
CA LYS A 36 2.98 26.32 2.50
C LYS A 36 3.26 24.80 2.53
N ILE A 37 2.20 24.01 2.32
CA ILE A 37 2.30 22.57 2.33
C ILE A 37 2.18 22.08 0.89
N ASN A 38 3.15 21.29 0.44
CA ASN A 38 3.06 20.60 -0.86
C ASN A 38 2.05 19.46 -0.78
N VAL A 39 1.08 19.45 -1.67
CA VAL A 39 -0.03 18.50 -1.57
C VAL A 39 -0.26 17.81 -2.89
N ALA A 40 -0.92 16.67 -2.84
CA ALA A 40 -1.47 16.10 -4.06
C ALA A 40 -2.98 16.31 -4.05
N VAL A 41 -3.57 16.71 -5.15
CA VAL A 41 -4.97 17.06 -5.09
C VAL A 41 -5.71 16.04 -5.97
N LYS A 42 -6.50 15.18 -5.35
CA LYS A 42 -7.30 14.25 -6.17
C LYS A 42 -8.60 14.86 -6.63
N THR A 43 -8.91 14.54 -7.87
CA THR A 43 -10.02 15.09 -8.63
C THR A 43 -10.95 13.93 -9.14
N CYS A 44 -12.25 14.18 -9.25
CA CYS A 44 -13.19 13.18 -9.80
C CYS A 44 -13.72 13.70 -11.14
N LYS A 45 -13.53 12.94 -12.20
CA LYS A 45 -14.07 13.32 -13.53
C LYS A 45 -15.58 13.63 -13.52
N LYS A 46 -15.95 14.83 -13.93
CA LYS A 46 -17.39 15.24 -13.97
C LYS A 46 -18.33 14.28 -14.74
N ASP A 47 -18.53 13.07 -14.21
CA ASP A 47 -19.20 11.99 -14.94
C ASP A 47 -20.25 11.21 -14.15
N CYS A 48 -19.90 9.96 -13.80
CA CYS A 48 -20.88 8.89 -13.60
C CYS A 48 -21.98 9.18 -12.60
N THR A 49 -22.77 10.21 -12.93
CA THR A 49 -23.76 10.81 -12.03
C THR A 49 -23.44 10.47 -10.55
N LEU A 50 -24.46 10.05 -9.80
CA LEU A 50 -24.27 9.65 -8.42
C LEU A 50 -23.17 8.57 -8.10
N ASP A 51 -23.09 7.48 -8.86
CA ASP A 51 -22.43 6.26 -8.36
C ASP A 51 -20.90 6.27 -8.17
N ASN A 52 -20.17 6.69 -9.19
CA ASN A 52 -18.73 6.74 -9.05
C ASN A 52 -18.32 7.95 -8.24
N LYS A 53 -19.16 8.97 -8.29
CA LYS A 53 -18.94 10.22 -7.57
C LYS A 53 -19.26 10.07 -6.07
N GLU A 54 -20.22 9.20 -5.77
CA GLU A 54 -20.52 8.80 -4.42
C GLU A 54 -19.35 7.97 -3.91
N LYS A 55 -18.89 6.99 -4.69
CA LYS A 55 -17.72 6.17 -4.28
C LYS A 55 -16.43 6.98 -4.03
N PHE A 56 -16.27 8.07 -4.79
CA PHE A 56 -15.13 8.99 -4.67
C PHE A 56 -15.15 9.63 -3.31
N MET A 57 -16.32 10.14 -2.94
CA MET A 57 -16.46 10.89 -1.69
C MET A 57 -16.40 9.97 -0.52
N SER A 58 -17.03 8.82 -0.67
CA SER A 58 -17.05 7.84 0.38
C SER A 58 -15.64 7.31 0.69
N GLU A 59 -14.77 7.23 -0.30
CA GLU A 59 -13.44 6.74 -0.05
C GLU A 59 -12.60 7.84 0.62
N ALA A 60 -12.79 9.06 0.21
CA ALA A 60 -12.21 10.25 0.84
C ALA A 60 -12.52 10.33 2.35
N VAL A 61 -13.75 10.00 2.73
CA VAL A 61 -14.16 10.18 4.14
C VAL A 61 -13.57 9.09 5.05
N ILE A 62 -13.59 7.88 4.57
CA ILE A 62 -12.72 6.89 5.20
C ILE A 62 -11.26 7.39 5.34
N MET A 63 -10.61 7.82 4.26
CA MET A 63 -9.17 8.19 4.40
C MET A 63 -9.06 9.36 5.33
N LYS A 64 -10.09 10.23 5.35
CA LYS A 64 -10.07 11.38 6.23
C LYS A 64 -10.08 10.90 7.66
N ASN A 65 -10.82 9.85 7.93
CA ASN A 65 -10.82 9.33 9.27
C ASN A 65 -9.64 8.42 9.60
N LEU A 66 -8.87 8.04 8.59
CA LEU A 66 -7.79 7.17 8.88
C LEU A 66 -6.67 8.06 9.41
N ASP A 67 -6.06 7.66 10.49
CA ASP A 67 -4.82 8.33 10.83
C ASP A 67 -3.83 7.39 11.45
N HIS A 68 -2.95 6.85 10.62
CA HIS A 68 -1.89 6.01 11.09
C HIS A 68 -0.64 6.62 10.48
N PRO A 69 0.50 6.61 11.20
CA PRO A 69 1.72 7.16 10.58
C PRO A 69 2.17 6.46 9.26
N HIS A 70 1.62 5.31 8.92
CA HIS A 70 2.07 4.63 7.69
C HIS A 70 0.92 4.39 6.74
N ILE A 71 -0.11 5.27 6.84
CA ILE A 71 -1.15 5.36 5.83
C ILE A 71 -1.11 6.78 5.30
N VAL A 72 -1.31 6.94 3.99
CA VAL A 72 -1.39 8.24 3.38
C VAL A 72 -2.29 9.20 4.13
N LYS A 73 -1.80 10.45 4.20
CA LYS A 73 -2.43 11.43 5.06
C LYS A 73 -3.34 12.35 4.22
N LEU A 74 -4.63 12.37 4.56
CA LEU A 74 -5.65 13.25 3.94
C LEU A 74 -5.61 14.58 4.70
N ILE A 75 -5.44 15.67 4.01
CA ILE A 75 -5.30 16.96 4.66
C ILE A 75 -6.65 17.64 4.72
N GLY A 76 -7.35 17.69 3.60
CA GLY A 76 -8.74 18.17 3.70
C GLY A 76 -9.52 17.82 2.47
N ILE A 77 -10.81 18.16 2.48
CA ILE A 77 -11.70 17.90 1.36
C ILE A 77 -12.42 19.17 0.96
N ILE A 78 -12.39 19.50 -0.32
CA ILE A 78 -13.19 20.60 -0.84
C ILE A 78 -14.33 19.99 -1.63
N GLU A 79 -15.51 20.02 -1.04
CA GLU A 79 -16.67 19.29 -1.53
C GLU A 79 -17.38 19.95 -2.73
N GLU A 80 -17.64 21.24 -2.65
CA GLU A 80 -18.23 21.91 -3.82
C GLU A 80 -17.58 21.54 -5.17
N GLU A 81 -18.42 21.28 -6.19
CA GLU A 81 -17.91 21.02 -7.57
C GLU A 81 -16.88 22.08 -8.01
N PRO A 82 -15.73 21.68 -8.58
CA PRO A 82 -15.27 20.32 -8.72
C PRO A 82 -14.55 19.88 -7.43
N THR A 83 -14.95 18.72 -6.94
CA THR A 83 -14.50 18.23 -5.66
C THR A 83 -12.99 17.98 -5.67
N TRP A 84 -12.31 18.48 -4.66
CA TRP A 84 -10.87 18.27 -4.49
C TRP A 84 -10.59 17.56 -3.16
N ILE A 85 -9.94 16.40 -3.25
CA ILE A 85 -9.32 15.75 -2.08
C ILE A 85 -7.81 16.14 -1.98
N ILE A 86 -7.45 16.84 -0.92
CA ILE A 86 -6.06 17.29 -0.66
C ILE A 86 -5.28 16.36 0.27
N MET A 87 -4.29 15.69 -0.28
CA MET A 87 -3.50 14.71 0.41
C MET A 87 -2.10 15.29 0.62
N GLU A 88 -1.31 14.77 1.56
CA GLU A 88 0.14 15.15 1.64
C GLU A 88 0.80 14.67 0.41
N LEU A 89 1.77 15.45 -0.12
CA LEU A 89 2.46 15.02 -1.32
C LEU A 89 3.65 14.22 -0.86
N TYR A 90 3.88 13.07 -1.47
CA TYR A 90 4.97 12.20 -1.04
C TYR A 90 5.93 12.26 -2.18
N PRO A 91 7.08 12.96 -1.94
CA PRO A 91 8.01 13.43 -2.94
C PRO A 91 8.82 12.38 -3.61
N TYR A 92 8.83 11.15 -3.10
CA TYR A 92 9.64 10.08 -3.74
C TYR A 92 8.72 9.16 -4.54
N GLY A 93 7.43 9.48 -4.61
CA GLY A 93 6.52 8.72 -5.51
C GLY A 93 6.29 7.29 -5.02
N GLU A 94 5.94 6.40 -5.94
CA GLU A 94 5.59 5.03 -5.61
C GLU A 94 6.78 4.17 -5.23
N LEU A 95 6.55 3.33 -4.20
CA LEU A 95 7.54 2.39 -3.71
C LEU A 95 8.09 1.48 -4.82
N GLY A 96 7.24 0.93 -5.66
CA GLY A 96 7.78 0.05 -6.69
C GLY A 96 8.84 0.75 -7.56
N HIS A 97 8.52 1.93 -8.09
CA HIS A 97 9.51 2.76 -8.82
C HIS A 97 10.72 3.10 -8.00
N TYR A 98 10.51 3.45 -6.74
CA TYR A 98 11.58 3.91 -5.86
C TYR A 98 12.54 2.75 -5.57
N LEU A 99 11.98 1.54 -5.43
CA LEU A 99 12.84 0.35 -5.27
C LEU A 99 13.64 0.06 -6.53
N GLU A 100 13.00 0.24 -7.68
CA GLU A 100 13.68 0.02 -8.94
C GLU A 100 14.86 0.96 -9.11
N ARG A 101 14.69 2.25 -8.85
CA ARG A 101 15.74 3.25 -8.99
C ARG A 101 16.92 3.00 -8.03
N ASN A 102 16.59 2.62 -6.81
CA ASN A 102 17.57 2.54 -5.75
C ASN A 102 17.97 1.13 -5.38
N LYS A 103 17.73 0.21 -6.29
CA LYS A 103 18.16 -1.19 -6.22
C LYS A 103 19.63 -1.36 -5.75
N ASN A 104 20.56 -0.55 -6.27
CA ASN A 104 21.96 -0.77 -5.90
C ASN A 104 22.32 -0.30 -4.49
N SER A 105 21.55 0.61 -3.92
CA SER A 105 22.00 1.21 -2.65
C SER A 105 21.09 0.79 -1.43
N LEU A 106 19.86 0.35 -1.70
CA LEU A 106 19.01 -0.13 -0.62
C LEU A 106 19.54 -1.41 0.04
N LYS A 107 19.60 -1.40 1.35
CA LYS A 107 20.00 -2.60 2.01
C LYS A 107 18.80 -3.31 2.69
N VAL A 108 19.05 -4.54 3.12
CA VAL A 108 17.99 -5.36 3.68
C VAL A 108 17.31 -4.72 4.86
N LEU A 109 18.06 -3.99 5.70
CA LEU A 109 17.47 -3.32 6.85
C LEU A 109 16.22 -2.49 6.45
N THR A 110 16.41 -1.72 5.39
CA THR A 110 15.37 -0.83 4.91
C THR A 110 14.18 -1.63 4.34
N LEU A 111 14.48 -2.65 3.55
CA LEU A 111 13.40 -3.42 2.98
C LEU A 111 12.56 -3.97 4.12
N VAL A 112 13.19 -4.34 5.25
CA VAL A 112 12.47 -4.96 6.36
C VAL A 112 11.67 -3.86 7.09
N LEU A 113 12.28 -2.68 7.20
CA LEU A 113 11.58 -1.54 7.77
C LEU A 113 10.33 -1.15 6.98
N TYR A 114 10.40 -1.06 5.65
CA TYR A 114 9.19 -0.74 4.87
C TYR A 114 8.14 -1.81 5.13
N SER A 115 8.55 -3.09 5.10
CA SER A 115 7.63 -4.21 5.42
C SER A 115 6.96 -4.03 6.79
N LEU A 116 7.73 -3.61 7.80
CA LEU A 116 7.21 -3.51 9.15
C LEU A 116 6.19 -2.35 9.19
N GLN A 117 6.54 -1.24 8.57
CA GLN A 117 5.64 -0.06 8.52
C GLN A 117 4.32 -0.40 7.92
N ILE A 118 4.31 -1.10 6.79
CA ILE A 118 3.08 -1.46 6.14
C ILE A 118 2.27 -2.38 7.08
N CYS A 119 2.95 -3.30 7.72
CA CYS A 119 2.32 -4.27 8.57
C CYS A 119 1.70 -3.61 9.82
N LYS A 120 2.36 -2.56 10.31
CA LYS A 120 1.75 -1.70 11.39
C LYS A 120 0.48 -1.03 10.92
N ALA A 121 0.47 -0.52 9.67
CA ALA A 121 -0.72 0.07 9.10
C ALA A 121 -1.83 -0.99 9.00
N MET A 122 -1.46 -2.21 8.60
CA MET A 122 -2.44 -3.25 8.44
C MET A 122 -2.96 -3.71 9.79
N ALA A 123 -2.10 -3.64 10.83
CA ALA A 123 -2.51 -4.11 12.14
C ALA A 123 -3.62 -3.17 12.57
N TYR A 124 -3.43 -1.88 12.29
CA TYR A 124 -4.48 -0.94 12.56
C TYR A 124 -5.76 -1.27 11.84
N LEU A 125 -5.71 -1.42 10.54
CA LEU A 125 -6.90 -1.84 9.81
C LEU A 125 -7.52 -3.12 10.36
N GLU A 126 -6.66 -4.02 10.83
CA GLU A 126 -7.11 -5.30 11.29
C GLU A 126 -7.97 -5.13 12.53
N SER A 127 -7.54 -4.20 13.38
CA SER A 127 -8.23 -3.87 14.60
C SER A 127 -9.66 -3.39 14.32
N ILE A 128 -9.93 -2.83 13.14
CA ILE A 128 -11.32 -2.45 12.86
C ILE A 128 -12.05 -3.35 11.85
N ASN A 129 -11.54 -4.55 11.67
CA ASN A 129 -12.05 -5.48 10.63
C ASN A 129 -12.31 -4.81 9.34
N CYS A 130 -11.39 -3.95 8.91
CA CYS A 130 -11.50 -3.25 7.64
C CYS A 130 -10.51 -3.85 6.62
N VAL A 131 -11.00 -4.25 5.44
CA VAL A 131 -10.16 -4.99 4.53
C VAL A 131 -9.62 -4.07 3.44
N HIS A 132 -8.30 -4.13 3.25
CA HIS A 132 -7.66 -3.32 2.27
C HIS A 132 -7.39 -4.26 1.11
N ARG A 133 -7.73 -3.94 -0.08
CA ARG A 133 -7.60 -5.09 -0.98
C ARG A 133 -6.51 -4.89 -2.01
N ASP A 134 -5.61 -3.96 -1.68
CA ASP A 134 -4.64 -3.49 -2.64
C ASP A 134 -3.34 -3.20 -1.88
N ILE A 135 -2.76 -4.22 -1.26
CA ILE A 135 -1.47 -4.10 -0.52
C ILE A 135 -0.38 -4.55 -1.47
N ALA A 136 0.14 -3.58 -2.23
CA ALA A 136 1.12 -3.79 -3.33
C ALA A 136 2.06 -2.57 -3.42
N VAL A 137 3.30 -2.79 -3.87
CA VAL A 137 4.22 -1.62 -3.98
C VAL A 137 3.74 -0.47 -4.88
N ARG A 138 3.00 -0.77 -5.96
CA ARG A 138 2.40 0.29 -6.78
C ARG A 138 1.45 1.19 -5.93
N ASN A 139 0.84 0.66 -4.87
CA ASN A 139 -0.09 1.41 -4.01
C ASN A 139 0.48 1.91 -2.65
N ILE A 140 1.81 2.14 -2.59
CA ILE A 140 2.46 2.47 -1.37
C ILE A 140 3.40 3.64 -1.76
N LEU A 141 3.30 4.72 -1.00
CA LEU A 141 3.96 5.99 -1.38
C LEU A 141 5.21 6.20 -0.54
N VAL A 142 6.22 6.92 -1.04
CA VAL A 142 7.46 7.04 -0.29
C VAL A 142 7.60 8.50 0.24
N ALA A 143 7.51 8.61 1.56
CA ALA A 143 7.53 9.88 2.20
C ALA A 143 9.02 10.27 2.41
N SER A 144 9.86 9.32 2.78
CA SER A 144 11.25 9.63 2.94
C SER A 144 12.03 8.34 2.81
N PRO A 145 13.38 8.43 2.61
CA PRO A 145 14.07 7.14 2.54
C PRO A 145 13.68 6.24 3.69
N GLU A 146 13.31 6.77 4.85
CA GLU A 146 12.93 5.87 5.92
C GLU A 146 11.46 5.76 6.26
N CYS A 147 10.56 6.06 5.33
CA CYS A 147 9.13 6.10 5.73
C CYS A 147 8.25 5.92 4.54
N VAL A 148 7.43 4.89 4.53
CA VAL A 148 6.44 4.68 3.46
C VAL A 148 5.04 4.73 4.03
N LYS A 149 4.08 4.92 3.14
CA LYS A 149 2.68 5.03 3.51
C LYS A 149 1.82 4.22 2.55
N LEU A 150 1.00 3.38 3.14
CA LEU A 150 0.01 2.59 2.43
C LEU A 150 -1.12 3.48 1.80
N GLY A 151 -1.27 3.34 0.48
CA GLY A 151 -2.16 4.18 -0.27
C GLY A 151 -3.65 3.82 -0.11
N ASP A 152 -4.49 4.50 -0.86
CA ASP A 152 -5.88 4.51 -0.49
C ASP A 152 -6.63 3.60 -1.39
N PHE A 153 -6.55 2.29 -1.14
CA PHE A 153 -7.23 1.43 -2.10
C PHE A 153 -8.21 0.41 -1.51
N GLY A 154 -8.74 0.78 -0.33
CA GLY A 154 -9.72 -0.03 0.38
C GLY A 154 -9.83 0.37 1.83
N THR A 170 -13.85 -6.17 -13.90
CA THR A 170 -13.07 -5.56 -12.82
C THR A 170 -11.73 -6.30 -12.69
N ARG A 171 -10.77 -6.03 -13.59
CA ARG A 171 -9.41 -6.65 -13.55
C ARG A 171 -8.77 -6.63 -12.14
N LEU A 172 -8.95 -7.74 -11.41
CA LEU A 172 -8.46 -7.91 -10.02
C LEU A 172 -6.96 -8.20 -9.99
N PRO A 173 -6.28 -7.95 -8.83
CA PRO A 173 -4.84 -8.25 -8.78
C PRO A 173 -4.61 -9.71 -8.51
N ILE A 174 -4.91 -10.52 -9.51
CA ILE A 174 -4.91 -11.97 -9.34
C ILE A 174 -3.60 -12.54 -8.74
N LYS A 175 -2.45 -12.00 -9.19
CA LYS A 175 -1.10 -12.50 -8.75
C LYS A 175 -0.77 -12.09 -7.33
N TRP A 176 -1.58 -11.19 -6.75
CA TRP A 176 -1.40 -10.75 -5.36
C TRP A 176 -2.41 -11.42 -4.44
N MET A 177 -3.35 -12.18 -5.04
CA MET A 177 -4.57 -12.63 -4.27
C MET A 177 -4.50 -13.99 -3.67
N SER A 178 -5.14 -14.15 -2.51
CA SER A 178 -5.22 -15.38 -1.79
C SER A 178 -6.08 -16.33 -2.62
N PRO A 179 -5.92 -17.65 -2.42
CA PRO A 179 -6.77 -18.61 -3.13
C PRO A 179 -8.30 -18.32 -2.94
N GLU A 180 -8.74 -18.02 -1.69
CA GLU A 180 -10.18 -17.74 -1.43
C GLU A 180 -10.63 -16.61 -2.30
N SER A 181 -9.77 -15.60 -2.43
CA SER A 181 -10.13 -14.39 -3.17
C SER A 181 -10.24 -14.69 -4.67
N ILE A 182 -9.32 -15.52 -5.15
CA ILE A 182 -9.27 -15.80 -6.60
C ILE A 182 -10.48 -16.73 -6.95
N ASN A 183 -10.73 -17.67 -6.04
CA ASN A 183 -11.74 -18.70 -6.21
C ASN A 183 -13.14 -18.16 -5.95
N PHE A 184 -13.33 -17.51 -4.83
CA PHE A 184 -14.67 -17.08 -4.44
C PHE A 184 -14.84 -15.59 -4.26
N ARG A 185 -13.85 -14.78 -4.61
CA ARG A 185 -14.00 -13.34 -4.31
C ARG A 185 -14.28 -13.07 -2.80
N ARG A 186 -13.84 -13.97 -1.90
CA ARG A 186 -13.82 -13.75 -0.44
C ARG A 186 -12.59 -12.90 -0.08
N PHE A 187 -12.82 -11.85 0.70
CA PHE A 187 -11.78 -10.96 1.13
C PHE A 187 -12.02 -10.78 2.58
N THR A 188 -11.04 -11.09 3.41
CA THR A 188 -11.15 -11.00 4.84
C THR A 188 -9.77 -10.46 5.31
N THR A 189 -9.56 -10.31 6.64
CA THR A 189 -8.29 -9.80 7.07
C THR A 189 -7.23 -10.85 6.77
N ALA A 190 -7.62 -12.10 6.80
CA ALA A 190 -6.68 -13.17 6.48
C ALA A 190 -6.23 -13.19 4.97
N SER A 191 -7.12 -12.80 4.07
CA SER A 191 -6.66 -12.68 2.67
C SER A 191 -5.75 -11.44 2.52
N ASP A 192 -6.01 -10.39 3.29
CA ASP A 192 -5.06 -9.25 3.36
C ASP A 192 -3.71 -9.74 3.90
N VAL A 193 -3.70 -10.66 4.86
CA VAL A 193 -2.41 -11.23 5.31
C VAL A 193 -1.62 -11.92 4.16
N TRP A 194 -2.28 -12.83 3.43
CA TRP A 194 -1.74 -13.39 2.20
C TRP A 194 -1.19 -12.26 1.29
N MET A 195 -1.98 -11.26 0.98
CA MET A 195 -1.57 -10.25 0.04
C MET A 195 -0.38 -9.45 0.63
N PHE A 196 -0.42 -9.15 1.93
CA PHE A 196 0.68 -8.41 2.55
C PHE A 196 2.00 -9.12 2.37
N ALA A 197 2.01 -10.46 2.50
CA ALA A 197 3.23 -11.25 2.27
C ALA A 197 3.64 -11.15 0.81
N VAL A 198 2.67 -11.16 -0.11
CA VAL A 198 3.07 -10.94 -1.52
C VAL A 198 3.80 -9.54 -1.68
N CYS A 199 3.30 -8.50 -1.00
CA CYS A 199 3.88 -7.20 -0.99
C CYS A 199 5.31 -7.23 -0.41
N MET A 200 5.54 -7.94 0.71
CA MET A 200 6.91 -8.19 1.20
C MET A 200 7.86 -8.76 0.14
N TRP A 201 7.36 -9.73 -0.59
CA TRP A 201 8.03 -10.31 -1.71
C TRP A 201 8.37 -9.31 -2.79
N GLU A 202 7.44 -8.39 -3.09
CA GLU A 202 7.75 -7.30 -4.01
C GLU A 202 8.82 -6.42 -3.49
N ILE A 203 8.71 -6.05 -2.22
CA ILE A 203 9.71 -5.20 -1.61
C ILE A 203 11.11 -5.85 -1.64
N LEU A 204 11.18 -7.07 -1.15
CA LEU A 204 12.47 -7.79 -1.11
C LEU A 204 13.05 -8.15 -2.48
N SER A 205 12.19 -8.22 -3.48
CA SER A 205 12.58 -8.39 -4.88
C SER A 205 12.82 -7.06 -5.61
N PHE A 206 12.84 -5.94 -4.90
CA PHE A 206 13.09 -4.66 -5.59
C PHE A 206 12.03 -4.38 -6.64
N GLY A 207 10.81 -4.83 -6.39
CA GLY A 207 9.68 -4.38 -7.23
C GLY A 207 9.36 -5.33 -8.35
N LYS A 208 9.86 -6.54 -8.33
CA LYS A 208 9.42 -7.45 -9.34
C LYS A 208 7.92 -7.72 -9.17
N GLN A 209 7.19 -7.93 -10.26
CA GLN A 209 5.77 -8.36 -10.15
C GLN A 209 5.72 -9.83 -9.75
N PRO A 210 4.79 -10.20 -8.83
CA PRO A 210 4.76 -11.60 -8.40
C PRO A 210 4.27 -12.46 -9.57
N PHE A 211 4.79 -13.69 -9.69
CA PHE A 211 4.38 -14.59 -10.76
C PHE A 211 4.49 -13.96 -12.15
N PHE A 212 5.48 -13.09 -12.32
CA PHE A 212 5.70 -12.39 -13.58
C PHE A 212 5.81 -13.43 -14.71
N TRP A 213 6.32 -14.61 -14.37
CA TRP A 213 6.48 -15.64 -15.34
C TRP A 213 5.18 -16.36 -15.67
N LEU A 214 4.08 -16.05 -14.99
CA LEU A 214 2.80 -16.62 -15.45
C LEU A 214 1.85 -15.57 -16.05
N GLU A 215 0.73 -16.05 -16.58
CA GLU A 215 -0.40 -15.22 -17.06
C GLU A 215 -1.39 -15.36 -15.94
N ASN A 216 -2.27 -14.38 -15.73
CA ASN A 216 -3.24 -14.49 -14.62
C ASN A 216 -3.96 -15.83 -14.53
N LYS A 217 -4.39 -16.39 -15.65
CA LYS A 217 -5.34 -17.55 -15.56
C LYS A 217 -4.63 -18.72 -14.90
N ASP A 218 -3.28 -18.66 -14.93
CA ASP A 218 -2.43 -19.78 -14.50
C ASP A 218 -2.08 -19.84 -13.01
N VAL A 219 -2.32 -18.75 -12.32
CA VAL A 219 -1.84 -18.56 -10.95
C VAL A 219 -2.50 -19.50 -9.95
N ILE A 220 -3.82 -19.53 -9.95
CA ILE A 220 -4.55 -20.41 -9.04
C ILE A 220 -4.12 -21.86 -9.12
N GLY A 221 -3.97 -22.36 -10.32
CA GLY A 221 -3.57 -23.75 -10.42
C GLY A 221 -2.19 -23.98 -9.84
N VAL A 222 -1.29 -23.00 -9.99
CA VAL A 222 0.07 -23.13 -9.39
C VAL A 222 -0.07 -23.14 -7.89
N LEU A 223 -0.90 -22.22 -7.38
CA LEU A 223 -1.15 -22.13 -5.93
C LEU A 223 -1.78 -23.42 -5.38
N GLU A 224 -2.83 -23.87 -6.08
CA GLU A 224 -3.55 -25.10 -5.71
C GLU A 224 -2.61 -26.27 -5.53
N LYS A 225 -1.54 -26.36 -6.32
CA LYS A 225 -0.58 -27.45 -6.05
C LYS A 225 0.49 -27.14 -4.99
N GLY A 226 0.34 -26.07 -4.20
CA GLY A 226 1.32 -25.79 -3.15
C GLY A 226 2.57 -25.03 -3.56
N ASP A 227 2.65 -24.63 -4.81
CA ASP A 227 3.84 -23.89 -5.24
C ASP A 227 3.74 -22.42 -4.80
N ARG A 228 4.88 -21.81 -4.44
CA ARG A 228 4.82 -20.47 -3.91
C ARG A 228 5.89 -19.58 -4.55
N LEU A 229 5.80 -18.27 -4.33
CA LEU A 229 6.82 -17.36 -4.82
C LEU A 229 8.16 -17.76 -4.18
N PRO A 230 9.22 -17.86 -4.97
CA PRO A 230 10.50 -18.32 -4.34
C PRO A 230 11.12 -17.20 -3.47
N LYS A 231 12.02 -17.56 -2.62
CA LYS A 231 12.63 -16.59 -1.71
C LYS A 231 13.51 -15.66 -2.51
N PRO A 232 13.27 -14.33 -2.39
CA PRO A 232 14.12 -13.36 -3.02
C PRO A 232 15.54 -13.47 -2.49
N ASP A 233 16.48 -13.09 -3.32
CA ASP A 233 17.86 -13.30 -3.02
C ASP A 233 18.33 -12.62 -1.74
N LEU A 234 17.86 -11.40 -1.46
CA LEU A 234 18.28 -10.67 -0.27
C LEU A 234 17.36 -10.91 0.92
N CYS A 235 16.37 -11.82 0.77
CA CYS A 235 15.41 -12.04 1.86
C CYS A 235 16.01 -13.04 2.82
N PRO A 236 16.10 -12.71 4.11
CA PRO A 236 16.58 -13.61 5.16
C PRO A 236 15.65 -14.80 5.25
N PRO A 237 16.20 -16.02 5.46
CA PRO A 237 15.35 -17.21 5.57
C PRO A 237 14.27 -17.11 6.61
N VAL A 238 14.58 -16.45 7.70
CA VAL A 238 13.62 -16.29 8.76
C VAL A 238 12.44 -15.50 8.24
N LEU A 239 12.72 -14.55 7.37
CA LEU A 239 11.65 -13.69 6.86
C LEU A 239 10.83 -14.45 5.79
N TYR A 240 11.51 -15.31 5.02
CA TYR A 240 10.82 -16.13 3.99
C TYR A 240 9.86 -17.15 4.67
N THR A 241 10.31 -17.67 5.81
CA THR A 241 9.43 -18.55 6.62
C THR A 241 8.17 -17.84 7.10
N LEU A 242 8.31 -16.59 7.51
CA LEU A 242 7.15 -15.77 7.79
C LEU A 242 6.27 -15.61 6.58
N MET A 243 6.83 -15.28 5.43
CA MET A 243 6.03 -15.16 4.21
C MET A 243 5.30 -16.47 3.87
N THR A 244 6.01 -17.59 4.01
CA THR A 244 5.44 -18.93 3.88
C THR A 244 4.19 -19.22 4.77
N ARG A 245 4.26 -18.80 6.04
CA ARG A 245 3.14 -18.94 6.93
C ARG A 245 1.96 -18.09 6.46
N CYS A 246 2.27 -16.89 5.99
CA CYS A 246 1.23 -16.02 5.40
C CYS A 246 0.50 -16.65 4.21
N TRP A 247 1.19 -17.52 3.47
CA TRP A 247 0.63 -18.11 2.25
C TRP A 247 0.08 -19.50 2.55
N ASP A 248 -0.24 -19.77 3.81
CA ASP A 248 -0.92 -21.01 4.17
C ASP A 248 -2.20 -21.09 3.32
N TYR A 249 -2.44 -22.22 2.71
CA TYR A 249 -3.68 -22.30 1.89
C TYR A 249 -4.90 -21.94 2.74
N ASP A 250 -4.87 -22.40 3.99
CA ASP A 250 -6.00 -22.33 4.91
C ASP A 250 -5.94 -21.00 5.64
N PRO A 251 -6.94 -20.14 5.44
CA PRO A 251 -6.83 -18.80 6.03
C PRO A 251 -6.72 -18.75 7.58
N SER A 252 -7.22 -19.79 8.29
CA SER A 252 -7.27 -19.82 9.78
C SER A 252 -5.90 -20.01 10.31
N ASP A 253 -5.03 -20.60 9.48
CA ASP A 253 -3.68 -20.93 9.92
C ASP A 253 -2.66 -19.79 9.67
N ARG A 254 -3.09 -18.76 8.93
CA ARG A 254 -2.21 -17.61 8.71
C ARG A 254 -2.07 -16.78 9.99
N PRO A 255 -0.88 -16.20 10.19
CA PRO A 255 -0.78 -15.29 11.31
C PRO A 255 -1.74 -14.14 11.14
N ARG A 256 -1.99 -13.46 12.24
CA ARG A 256 -2.67 -12.19 12.24
C ARG A 256 -1.63 -11.08 12.16
N PHE A 257 -2.07 -9.91 11.73
CA PHE A 257 -1.16 -8.78 11.66
C PHE A 257 -0.49 -8.36 12.98
N THR A 258 -1.18 -8.54 14.12
CA THR A 258 -0.60 -8.11 15.40
C THR A 258 0.58 -9.01 15.64
N GLU A 259 0.42 -10.31 15.36
CA GLU A 259 1.63 -11.14 15.51
C GLU A 259 2.74 -10.88 14.50
N LEU A 260 2.38 -10.55 13.24
CA LEU A 260 3.42 -10.20 12.23
C LEU A 260 4.20 -9.00 12.67
N VAL A 261 3.50 -8.05 13.31
CA VAL A 261 4.22 -6.84 13.70
C VAL A 261 5.35 -7.25 14.67
N CYS A 262 5.05 -8.15 15.64
CA CYS A 262 6.05 -8.58 16.62
C CYS A 262 7.20 -9.35 15.94
N SER A 263 6.86 -10.31 15.07
CA SER A 263 7.94 -11.08 14.37
C SER A 263 8.79 -10.10 13.51
N LEU A 264 8.11 -9.15 12.84
CA LEU A 264 8.81 -8.29 11.92
C LEU A 264 9.68 -7.29 12.68
N SER A 265 9.26 -6.89 13.89
CA SER A 265 10.13 -5.99 14.68
C SER A 265 11.36 -6.74 15.07
N ASP A 266 11.18 -8.02 15.39
CA ASP A 266 12.37 -8.84 15.79
C ASP A 266 13.39 -8.98 14.63
N VAL A 267 12.86 -9.29 13.44
CA VAL A 267 13.71 -9.40 12.25
C VAL A 267 14.39 -8.09 12.00
N TYR A 268 13.64 -7.02 12.12
CA TYR A 268 14.22 -5.68 11.85
C TYR A 268 15.30 -5.47 12.85
N GLN A 269 15.00 -5.78 14.11
CA GLN A 269 16.01 -5.45 15.08
C GLN A 269 17.32 -6.24 14.87
N MET A 270 17.18 -7.50 14.46
CA MET A 270 18.34 -8.31 14.07
C MET A 270 19.08 -7.78 12.83
N GLU A 271 18.35 -7.36 11.80
CA GLU A 271 19.04 -6.83 10.67
C GLU A 271 19.78 -5.48 11.00
N LYS A 272 19.24 -4.68 11.91
CA LYS A 272 19.90 -3.43 12.31
C LYS A 272 21.21 -3.79 13.03
N ASP A 273 21.16 -4.64 14.05
CA ASP A 273 22.38 -5.04 14.74
C ASP A 273 23.37 -5.59 13.72
N ILE A 274 22.91 -6.49 12.88
CA ILE A 274 23.87 -6.97 11.88
C ILE A 274 24.45 -5.85 11.03
N ALA A 275 23.65 -4.89 10.59
CA ALA A 275 24.16 -3.80 9.73
C ALA A 275 25.15 -2.88 10.49
N MET A 276 24.87 -2.64 11.77
CA MET A 276 25.65 -1.76 12.62
C MET A 276 26.97 -2.37 13.10
N GLU A 277 27.16 -3.69 13.01
CA GLU A 277 28.36 -4.31 13.63
C GLU A 277 29.33 -5.06 12.70
#